data_7FIT
#
_entry.id   7FIT
#
_cell.length_a   109.882
_cell.length_b   109.882
_cell.length_c   79.087
_cell.angle_alpha   90.000
_cell.angle_beta   90.000
_cell.angle_gamma   120.000
#
_symmetry.space_group_name_H-M   'P 63'
#
loop_
_entity.id
_entity.type
_entity.pdbx_description
1 polymer 'bacteria factor 1'
2 water water
#
_entity_poly.entity_id   1
_entity_poly.type   'polypeptide(L)'
_entity_poly.pdbx_seq_one_letter_code
;MPIETKRQAEVLKKLQDVIKHTDRDIAAGRKLAIKRWVETYIEYIKLFKDDKLEFLYNVFRDEGCWLGTRLNNTVLGQKL
TEEKIGEIDNPLPRYGMASRYCITGKIGDFFNKQFVLSRGQFTSEEVDSQGNPISDQYVRNILLSSMKRNGPVFDFWIDR
ESGELKKYDAVEGFDSTVKLKWSEGVEYFYNQLEEKDKEKKLTEAIVALSRPQSVKRDAPILDFCVRNIGDKDTLLQKLL
QKDKGVYFLLAELIESCFFDTVHDLVQCWCYKGVSAGGDCSDKIFSQQDYELFLYSLSNVMLKNPELSVQARSLIMEIWK
CERFAEYRETSVNTSNYTVPIKSVLGGLIINWKREDVCKPDREIEKEEILDMISFAKGCFPEKFDLFKEVMIENLRICGR
EGKRKGVDYGKFAEELFLQLEKVTLPSVGDGPWNNLRSQSKVSLPLDGSGDGPQSEFEAPSVSGISGSHKKRRILEHHHH
HH
;
_entity_poly.pdbx_strand_id   A
#
# COMPACT_ATOMS: atom_id res chain seq x y z
N THR A 5 6.82 -12.92 21.52
CA THR A 5 6.96 -12.52 20.12
C THR A 5 6.84 -13.71 19.20
N LYS A 6 7.44 -14.83 19.57
CA LYS A 6 7.29 -16.03 18.76
C LYS A 6 5.84 -16.42 18.77
N ARG A 7 5.23 -16.34 19.95
CA ARG A 7 3.83 -16.67 20.07
C ARG A 7 3.02 -15.70 19.24
N GLN A 8 3.37 -14.43 19.30
CA GLN A 8 2.63 -13.42 18.57
C GLN A 8 2.74 -13.69 17.09
N ALA A 9 3.94 -14.05 16.65
CA ALA A 9 4.16 -14.35 15.25
C ALA A 9 3.36 -15.55 14.81
N GLU A 10 3.29 -16.56 15.66
CA GLU A 10 2.54 -17.76 15.34
C GLU A 10 1.09 -17.41 15.14
N VAL A 11 0.60 -16.51 15.97
CA VAL A 11 -0.79 -16.13 15.88
C VAL A 11 -1.04 -15.55 14.51
N LEU A 12 -0.13 -14.72 14.06
CA LEU A 12 -0.33 -14.06 12.79
C LEU A 12 -0.40 -15.04 11.65
N LYS A 13 0.52 -16.00 11.62
CA LYS A 13 0.57 -16.94 10.51
C LYS A 13 -0.65 -17.81 10.44
N LYS A 14 -1.11 -18.29 11.57
CA LYS A 14 -2.25 -19.20 11.58
C LYS A 14 -3.47 -18.50 11.08
N LEU A 15 -3.66 -17.27 11.51
CA LEU A 15 -4.81 -16.51 11.07
C LEU A 15 -4.79 -16.17 9.58
N GLN A 16 -3.62 -16.15 8.97
CA GLN A 16 -3.54 -15.82 7.56
C GLN A 16 -3.69 -17.03 6.66
N ASP A 17 -3.28 -18.20 7.13
CA ASP A 17 -3.32 -19.44 6.36
C ASP A 17 -4.73 -19.97 6.15
N VAL A 18 -5.74 -19.37 6.78
CA VAL A 18 -7.11 -19.80 6.58
C VAL A 18 -7.79 -19.06 5.43
N ILE A 19 -7.29 -17.88 5.07
CA ILE A 19 -7.90 -17.09 3.99
C ILE A 19 -7.66 -17.78 2.66
N LYS A 20 -8.72 -17.86 1.86
CA LYS A 20 -8.61 -18.43 0.55
C LYS A 20 -9.58 -17.73 -0.35
N HIS A 21 -9.11 -17.22 -1.47
CA HIS A 21 -10.01 -16.60 -2.44
C HIS A 21 -9.54 -16.97 -3.83
N THR A 22 -10.44 -16.90 -4.79
CA THR A 22 -10.08 -17.29 -6.14
C THR A 22 -8.99 -16.41 -6.70
N ASP A 23 -9.06 -15.11 -6.42
CA ASP A 23 -8.05 -14.19 -6.94
C ASP A 23 -6.92 -14.12 -5.95
N ARG A 24 -5.71 -14.36 -6.42
CA ARG A 24 -4.58 -14.39 -5.51
C ARG A 24 -4.38 -13.05 -4.85
N ASP A 25 -4.55 -11.98 -5.61
CA ASP A 25 -4.38 -10.65 -5.07
C ASP A 25 -5.37 -10.31 -3.96
N ILE A 26 -6.64 -10.71 -4.13
CA ILE A 26 -7.62 -10.40 -3.12
C ILE A 26 -7.22 -11.07 -1.83
N ALA A 27 -6.78 -12.31 -1.93
CA ALA A 27 -6.39 -13.04 -0.74
C ALA A 27 -5.22 -12.41 -0.08
N ALA A 28 -4.21 -12.07 -0.85
CA ALA A 28 -3.01 -11.50 -0.29
C ALA A 28 -3.34 -10.20 0.37
N GLY A 29 -4.27 -9.47 -0.22
CA GLY A 29 -4.69 -8.23 0.38
C GLY A 29 -5.30 -8.51 1.72
N ARG A 30 -6.06 -9.59 1.80
CA ARG A 30 -6.67 -9.97 3.05
C ARG A 30 -5.63 -10.43 4.02
N LYS A 31 -4.58 -11.11 3.60
CA LYS A 31 -3.62 -11.52 4.60
C LYS A 31 -3.02 -10.32 5.25
N LEU A 32 -2.87 -9.24 4.50
CA LEU A 32 -2.37 -8.00 5.05
C LEU A 32 -3.36 -7.37 6.00
N ALA A 33 -4.63 -7.44 5.64
CA ALA A 33 -5.66 -6.89 6.50
C ALA A 33 -5.68 -7.60 7.81
N ILE A 34 -5.52 -8.92 7.77
CA ILE A 34 -5.48 -9.68 8.99
C ILE A 34 -4.30 -9.23 9.82
N LYS A 35 -3.15 -9.04 9.19
CA LYS A 35 -1.95 -8.59 9.90
C LYS A 35 -2.24 -7.31 10.62
N ARG A 36 -2.87 -6.38 9.93
CA ARG A 36 -3.20 -5.12 10.52
C ARG A 36 -4.17 -5.33 11.66
N TRP A 37 -5.13 -6.22 11.47
CA TRP A 37 -6.09 -6.51 12.51
C TRP A 37 -5.32 -7.04 13.70
N VAL A 38 -4.50 -8.04 13.47
CA VAL A 38 -3.80 -8.61 14.61
C VAL A 38 -2.93 -7.56 15.29
N GLU A 39 -2.43 -6.60 14.55
CA GLU A 39 -1.63 -5.58 15.17
C GLU A 39 -2.47 -4.84 16.17
N THR A 40 -3.67 -4.45 15.77
CA THR A 40 -4.54 -3.69 16.64
C THR A 40 -4.99 -4.46 17.86
N TYR A 41 -5.33 -5.73 17.69
CA TYR A 41 -5.89 -6.50 18.80
C TYR A 41 -4.98 -7.57 19.37
N ILE A 42 -3.68 -7.39 19.26
CA ILE A 42 -2.75 -8.41 19.72
C ILE A 42 -2.88 -8.68 21.20
N GLU A 43 -3.05 -7.65 22.01
CA GLU A 43 -3.10 -7.86 23.45
C GLU A 43 -4.27 -8.75 23.84
N TYR A 44 -5.42 -8.54 23.22
CA TYR A 44 -6.57 -9.36 23.52
C TYR A 44 -6.29 -10.81 23.18
N ILE A 45 -5.66 -11.04 22.04
CA ILE A 45 -5.43 -12.40 21.59
C ILE A 45 -4.08 -12.96 21.98
N LYS A 46 -3.28 -12.18 22.70
CA LYS A 46 -1.94 -12.61 23.04
C LYS A 46 -1.91 -13.99 23.62
N LEU A 47 -2.68 -14.20 24.68
CA LEU A 47 -2.71 -15.50 25.32
C LEU A 47 -3.85 -16.23 24.69
N PHE A 48 -3.56 -17.23 23.89
CA PHE A 48 -4.61 -17.91 23.16
C PHE A 48 -4.15 -19.30 22.85
N LYS A 49 -5.10 -20.17 22.51
CA LYS A 49 -4.75 -21.53 22.13
C LYS A 49 -5.49 -21.85 20.86
N ASP A 50 -5.13 -22.94 20.23
CA ASP A 50 -5.76 -23.30 18.96
C ASP A 50 -7.27 -23.35 19.11
N ASP A 51 -7.76 -24.10 20.11
CA ASP A 51 -9.20 -24.26 20.29
C ASP A 51 -9.92 -22.93 20.41
N LYS A 52 -9.34 -21.98 21.14
CA LYS A 52 -9.93 -20.64 21.22
C LYS A 52 -9.82 -19.89 19.91
N LEU A 53 -8.90 -20.29 19.04
CA LEU A 53 -8.68 -19.61 17.77
C LEU A 53 -9.68 -20.01 16.69
N GLU A 54 -10.45 -21.09 16.91
CA GLU A 54 -11.43 -21.49 15.91
C GLU A 54 -12.59 -20.50 15.81
N PHE A 55 -12.90 -19.77 16.88
CA PHE A 55 -13.93 -18.74 16.79
C PHE A 55 -13.52 -17.65 15.81
N LEU A 56 -12.22 -17.32 15.79
CA LEU A 56 -11.72 -16.37 14.81
C LEU A 56 -11.73 -16.92 13.40
N TYR A 57 -11.89 -18.24 13.25
CA TYR A 57 -11.90 -18.85 11.92
C TYR A 57 -13.26 -18.70 11.25
N ASN A 58 -14.34 -19.04 11.96
CA ASN A 58 -15.68 -18.96 11.37
C ASN A 58 -16.05 -17.53 11.00
N VAL A 59 -15.49 -16.55 11.70
CA VAL A 59 -15.75 -15.15 11.36
C VAL A 59 -14.83 -14.66 10.25
N PHE A 60 -13.67 -15.30 10.06
CA PHE A 60 -12.74 -14.89 9.01
C PHE A 60 -12.89 -15.70 7.73
N ARG A 61 -13.32 -16.96 7.83
CA ARG A 61 -13.70 -17.71 6.64
C ARG A 61 -15.07 -17.30 6.11
N ASP A 62 -15.80 -16.48 6.85
CA ASP A 62 -17.07 -15.94 6.39
C ASP A 62 -16.80 -14.76 5.47
N GLU A 63 -17.26 -14.87 4.22
CA GLU A 63 -17.07 -13.80 3.26
C GLU A 63 -17.95 -12.63 3.58
N GLY A 64 -18.86 -12.80 4.51
CA GLY A 64 -19.73 -11.72 4.88
C GLY A 64 -18.95 -10.61 5.53
N CYS A 65 -18.00 -10.98 6.38
CA CYS A 65 -17.16 -9.99 7.04
C CYS A 65 -16.28 -9.22 6.04
N TRP A 66 -15.85 -9.88 4.97
CA TRP A 66 -14.93 -9.24 4.05
C TRP A 66 -15.57 -8.39 2.99
N LEU A 67 -15.12 -7.15 2.86
CA LEU A 67 -15.59 -6.31 1.77
C LEU A 67 -14.35 -6.12 0.95
N GLY A 68 -14.22 -6.85 -0.14
CA GLY A 68 -12.99 -6.80 -0.91
C GLY A 68 -11.77 -7.25 -0.14
N THR A 69 -10.70 -6.47 -0.21
CA THR A 69 -9.50 -6.80 0.52
C THR A 69 -9.58 -6.25 1.92
N ARG A 70 -10.57 -5.42 2.14
CA ARG A 70 -10.75 -4.82 3.44
C ARG A 70 -11.83 -5.53 4.21
N LEU A 71 -11.99 -5.20 5.48
CA LEU A 71 -12.99 -5.85 6.31
C LEU A 71 -14.21 -4.98 6.53
N ASN A 72 -15.39 -5.58 6.60
CA ASN A 72 -16.58 -4.83 6.92
C ASN A 72 -16.60 -4.81 8.41
N ASN A 73 -16.28 -3.65 8.96
CA ASN A 73 -16.21 -3.53 10.39
C ASN A 73 -17.53 -3.73 11.09
N THR A 74 -18.61 -3.24 10.50
CA THR A 74 -19.87 -3.35 11.15
C THR A 74 -20.25 -4.80 11.33
N VAL A 75 -20.09 -5.57 10.28
CA VAL A 75 -20.42 -6.97 10.35
C VAL A 75 -19.48 -7.64 11.32
N LEU A 76 -18.21 -7.28 11.26
CA LEU A 76 -17.21 -7.94 12.10
C LEU A 76 -17.48 -7.71 13.57
N GLY A 77 -17.89 -6.51 13.92
CA GLY A 77 -18.17 -6.21 15.30
C GLY A 77 -19.32 -7.05 15.80
N GLN A 78 -20.34 -7.21 14.97
CA GLN A 78 -21.48 -7.97 15.38
C GLN A 78 -21.02 -9.38 15.66
N LYS A 79 -20.16 -9.91 14.80
CA LYS A 79 -19.67 -11.25 15.00
C LYS A 79 -18.79 -11.34 16.24
N LEU A 80 -18.17 -10.25 16.64
CA LEU A 80 -17.30 -10.25 17.81
C LEU A 80 -18.06 -9.96 19.10
N THR A 81 -19.39 -9.92 19.04
CA THR A 81 -20.22 -9.69 20.22
C THR A 81 -21.14 -10.85 20.54
N GLU A 82 -21.08 -11.94 19.77
CA GLU A 82 -21.93 -13.11 20.00
C GLU A 82 -21.18 -14.09 20.89
N GLU A 83 -21.69 -14.29 22.11
CA GLU A 83 -21.07 -15.23 23.04
C GLU A 83 -21.46 -16.66 22.72
N GLU A 87 -20.20 -20.23 16.68
CA GLU A 87 -20.68 -21.28 17.57
C GLU A 87 -19.86 -21.34 18.83
N ILE A 88 -18.55 -21.41 18.68
CA ILE A 88 -17.67 -21.53 19.84
C ILE A 88 -17.68 -20.23 20.60
N ASP A 89 -17.31 -20.25 21.87
CA ASP A 89 -17.37 -19.05 22.67
C ASP A 89 -16.47 -17.96 22.16
N ASN A 90 -16.90 -16.73 22.30
CA ASN A 90 -16.08 -15.61 21.92
C ASN A 90 -15.09 -15.46 23.05
N PRO A 91 -13.80 -15.85 22.86
CA PRO A 91 -12.96 -15.71 24.04
C PRO A 91 -12.73 -14.25 24.27
N LEU A 92 -13.02 -13.43 23.28
CA LEU A 92 -12.86 -12.00 23.42
C LEU A 92 -13.97 -11.34 24.21
N PRO A 93 -13.62 -10.30 25.03
CA PRO A 93 -14.72 -9.63 25.73
C PRO A 93 -15.66 -8.90 24.82
N ARG A 94 -16.94 -9.07 25.05
CA ARG A 94 -17.92 -8.38 24.26
C ARG A 94 -17.77 -6.90 24.44
N TYR A 95 -17.57 -6.46 25.68
CA TYR A 95 -17.47 -5.04 25.94
C TYR A 95 -16.26 -4.46 25.26
N GLY A 96 -15.15 -5.17 25.34
CA GLY A 96 -13.93 -4.63 24.77
C GLY A 96 -14.11 -4.46 23.29
N MET A 97 -14.74 -5.45 22.68
CA MET A 97 -14.94 -5.40 21.25
C MET A 97 -16.02 -4.41 20.88
N ALA A 98 -17.11 -4.37 21.62
CA ALA A 98 -18.21 -3.50 21.26
C ALA A 98 -17.76 -2.07 21.28
N SER A 99 -16.97 -1.74 22.27
CA SER A 99 -16.52 -0.38 22.38
C SER A 99 -15.61 -0.14 21.22
N ARG A 100 -14.71 -1.08 20.96
CA ARG A 100 -13.73 -0.87 19.91
C ARG A 100 -14.37 -0.72 18.54
N TYR A 101 -15.56 -1.27 18.38
CA TYR A 101 -16.21 -1.22 17.10
C TYR A 101 -17.37 -0.28 17.16
N CYS A 102 -17.35 0.61 18.13
CA CYS A 102 -18.39 1.62 18.24
C CYS A 102 -19.82 1.12 18.17
N ILE A 103 -20.11 -0.01 18.79
CA ILE A 103 -21.49 -0.47 18.83
C ILE A 103 -22.13 0.16 20.05
N THR A 104 -22.56 1.40 19.91
CA THR A 104 -23.16 2.14 21.02
C THR A 104 -24.38 1.45 21.50
N GLY A 105 -25.33 1.26 20.61
CA GLY A 105 -26.52 0.52 20.96
C GLY A 105 -26.02 -0.88 21.09
N LYS A 106 -26.70 -1.71 21.85
CA LYS A 106 -26.22 -3.07 22.10
C LYS A 106 -24.87 -2.99 22.75
N ILE A 107 -24.69 -2.01 23.63
CA ILE A 107 -23.45 -1.92 24.34
C ILE A 107 -23.34 -3.22 25.11
N GLY A 108 -22.16 -3.79 25.20
CA GLY A 108 -22.02 -5.09 25.81
C GLY A 108 -22.50 -5.10 27.24
N ASP A 109 -22.21 -4.05 27.99
CA ASP A 109 -22.70 -3.95 29.35
C ASP A 109 -22.25 -5.20 30.08
N PHE A 110 -23.18 -5.89 30.73
CA PHE A 110 -22.84 -7.14 31.41
C PHE A 110 -23.72 -8.29 30.95
N ASP A 155 -13.72 4.46 29.43
CA ASP A 155 -12.97 4.88 28.25
C ASP A 155 -13.78 5.86 27.44
N PHE A 156 -13.53 5.91 26.15
CA PHE A 156 -14.27 6.81 25.28
C PHE A 156 -15.71 6.37 25.35
N TRP A 157 -15.91 5.06 25.31
CA TRP A 157 -17.24 4.52 25.37
C TRP A 157 -17.18 3.24 26.19
N LYS A 166 -20.52 7.41 26.85
CA LYS A 166 -20.88 8.82 26.75
C LYS A 166 -21.61 9.11 25.46
N LYS A 167 -21.86 10.39 25.18
CA LYS A 167 -22.50 10.76 23.93
C LYS A 167 -21.70 11.89 23.30
N TYR A 168 -21.41 11.80 22.02
CA TYR A 168 -20.59 12.81 21.37
C TYR A 168 -21.24 13.30 20.10
N ASP A 169 -21.11 14.58 19.79
CA ASP A 169 -21.61 15.08 18.52
C ASP A 169 -20.68 14.59 17.45
N ALA A 170 -21.12 14.57 16.22
CA ALA A 170 -20.30 13.98 15.18
C ALA A 170 -18.96 14.62 14.91
N VAL A 171 -18.90 15.94 14.83
CA VAL A 171 -17.65 16.58 14.46
C VAL A 171 -16.59 16.30 15.50
N GLU A 172 -16.97 16.39 16.77
CA GLU A 172 -15.98 16.19 17.81
C GLU A 172 -15.45 14.80 17.81
N GLY A 173 -16.33 13.84 17.60
CA GLY A 173 -15.90 12.47 17.58
C GLY A 173 -14.97 12.22 16.43
N PHE A 174 -15.30 12.80 15.29
CA PHE A 174 -14.46 12.60 14.13
C PHE A 174 -13.13 13.18 14.45
N ASP A 175 -13.12 14.41 14.95
CA ASP A 175 -11.82 15.04 15.17
C ASP A 175 -11.03 14.33 16.27
N SER A 176 -11.70 13.61 17.15
CA SER A 176 -11.00 12.98 18.24
C SER A 176 -10.53 11.61 17.85
N THR A 177 -11.36 10.88 17.10
CA THR A 177 -11.01 9.54 16.70
C THR A 177 -9.78 9.53 15.79
N VAL A 178 -9.66 10.52 14.93
CA VAL A 178 -8.50 10.58 14.09
C VAL A 178 -7.24 10.77 14.91
N LYS A 179 -7.33 11.58 15.95
CA LYS A 179 -6.19 11.81 16.81
C LYS A 179 -5.81 10.51 17.46
N LEU A 180 -6.81 9.71 17.78
CA LEU A 180 -6.55 8.44 18.44
C LEU A 180 -6.18 7.35 17.47
N LYS A 181 -6.16 7.65 16.17
CA LYS A 181 -5.81 6.66 15.16
C LYS A 181 -6.71 5.49 15.34
N TRP A 182 -7.98 5.77 15.51
CA TRP A 182 -8.97 4.72 15.72
C TRP A 182 -9.78 4.55 14.44
N SER A 183 -9.41 3.55 13.64
CA SER A 183 -10.03 3.37 12.33
C SER A 183 -11.52 3.08 12.46
N GLU A 184 -11.91 2.19 13.39
CA GLU A 184 -13.33 1.92 13.59
C GLU A 184 -14.06 3.11 14.17
N GLY A 185 -13.35 4.00 14.86
CA GLY A 185 -13.97 5.19 15.41
C GLY A 185 -14.30 6.24 14.37
N VAL A 186 -13.40 6.44 13.42
CA VAL A 186 -13.61 7.46 12.42
C VAL A 186 -14.77 7.09 11.53
N GLU A 187 -14.90 5.81 11.25
CA GLU A 187 -15.94 5.35 10.37
C GLU A 187 -17.31 5.62 10.95
N TYR A 188 -17.47 5.32 12.24
CA TYR A 188 -18.77 5.50 12.84
C TYR A 188 -19.16 6.94 12.80
N PHE A 189 -18.25 7.80 13.19
CA PHE A 189 -18.55 9.20 13.22
C PHE A 189 -18.79 9.78 11.85
N TYR A 190 -18.13 9.24 10.85
CA TYR A 190 -18.31 9.72 9.50
C TYR A 190 -19.74 9.52 9.13
N ASN A 191 -20.29 8.38 9.51
CA ASN A 191 -21.68 8.12 9.24
C ASN A 191 -22.60 9.10 9.94
N GLN A 192 -22.28 9.46 11.17
CA GLN A 192 -23.13 10.35 11.94
C GLN A 192 -22.95 11.81 11.54
N LEU A 193 -22.13 12.07 10.53
CA LEU A 193 -21.84 13.43 10.13
C LEU A 193 -22.86 13.99 9.18
N GLU A 194 -22.98 15.30 9.16
CA GLU A 194 -23.88 15.95 8.23
C GLU A 194 -23.29 15.84 6.86
N GLU A 195 -24.13 15.72 5.86
CA GLU A 195 -23.62 15.50 4.53
C GLU A 195 -22.75 16.66 4.07
N LYS A 196 -23.15 17.87 4.41
CA LYS A 196 -22.37 19.02 4.01
C LYS A 196 -21.00 18.92 4.59
N ASP A 197 -20.93 18.62 5.87
CA ASP A 197 -19.65 18.57 6.54
C ASP A 197 -18.75 17.40 6.18
N LYS A 198 -19.30 16.37 5.57
CA LYS A 198 -18.54 15.17 5.27
C LYS A 198 -17.24 15.36 4.51
N GLU A 199 -17.30 15.96 3.34
CA GLU A 199 -16.13 16.09 2.52
C GLU A 199 -15.07 16.94 3.21
N LYS A 200 -15.50 18.01 3.85
CA LYS A 200 -14.56 18.88 4.51
C LYS A 200 -13.84 18.15 5.61
N LYS A 201 -14.57 17.39 6.39
CA LYS A 201 -13.95 16.69 7.49
C LYS A 201 -12.96 15.68 7.02
N LEU A 202 -13.31 14.96 5.97
CA LEU A 202 -12.42 13.97 5.42
C LEU A 202 -11.17 14.62 4.88
N THR A 203 -11.33 15.74 4.19
CA THR A 203 -10.20 16.39 3.59
C THR A 203 -9.27 16.84 4.68
N GLU A 204 -9.82 17.32 5.78
CA GLU A 204 -9.01 17.76 6.90
C GLU A 204 -8.20 16.63 7.48
N ALA A 205 -8.82 15.47 7.59
CA ALA A 205 -8.12 14.33 8.10
C ALA A 205 -6.98 13.94 7.21
N ILE A 206 -7.20 13.96 5.92
CA ILE A 206 -6.18 13.58 5.00
C ILE A 206 -4.99 14.51 5.11
N VAL A 207 -5.25 15.79 5.18
CA VAL A 207 -4.17 16.75 5.27
C VAL A 207 -3.40 16.55 6.55
N ALA A 208 -4.12 16.32 7.62
CA ALA A 208 -3.47 16.08 8.89
C ALA A 208 -2.64 14.83 8.92
N LEU A 209 -3.15 13.76 8.34
CA LEU A 209 -2.46 12.50 8.42
C LEU A 209 -1.42 12.28 7.35
N SER A 210 -1.41 13.13 6.33
CA SER A 210 -0.38 13.03 5.31
C SER A 210 0.72 13.89 5.81
N ARG A 211 1.47 13.39 6.78
CA ARG A 211 2.50 14.18 7.41
C ARG A 211 3.78 13.38 7.45
N PRO A 212 4.93 14.05 7.56
CA PRO A 212 6.22 13.36 7.55
C PRO A 212 6.41 12.34 8.65
N GLN A 213 6.35 12.77 9.89
CA GLN A 213 6.55 11.89 11.04
C GLN A 213 5.26 11.11 11.30
N SER A 214 4.97 10.19 10.39
CA SER A 214 3.73 9.41 10.43
C SER A 214 4.02 8.00 10.93
N VAL A 215 2.95 7.22 11.02
CA VAL A 215 3.05 5.85 11.49
C VAL A 215 2.15 4.99 10.60
N LYS A 216 2.30 3.68 10.65
CA LYS A 216 1.52 2.78 9.80
C LYS A 216 0.03 2.80 10.05
N ARG A 217 -0.37 3.10 11.26
CA ARG A 217 -1.79 3.13 11.62
C ARG A 217 -2.55 4.17 10.83
N ASP A 218 -1.86 5.22 10.41
CA ASP A 218 -2.51 6.31 9.71
C ASP A 218 -3.04 5.89 8.37
N ALA A 219 -2.36 4.95 7.74
CA ALA A 219 -2.75 4.53 6.41
C ALA A 219 -4.12 3.91 6.26
N PRO A 220 -4.52 3.06 7.21
CA PRO A 220 -5.88 2.57 7.03
C PRO A 220 -6.91 3.68 7.04
N ILE A 221 -6.75 4.66 7.91
CA ILE A 221 -7.66 5.78 7.95
C ILE A 221 -7.61 6.59 6.67
N LEU A 222 -6.41 6.78 6.15
CA LEU A 222 -6.25 7.54 4.93
C LEU A 222 -6.93 6.83 3.79
N ASP A 223 -6.81 5.51 3.77
CA ASP A 223 -7.47 4.74 2.74
C ASP A 223 -8.95 4.98 2.81
N PHE A 224 -9.50 4.92 4.00
CA PHE A 224 -10.93 5.09 4.13
C PHE A 224 -11.37 6.48 3.67
N CYS A 225 -10.59 7.51 3.97
CA CYS A 225 -10.98 8.86 3.63
C CYS A 225 -10.97 9.07 2.11
N VAL A 226 -9.95 8.57 1.43
CA VAL A 226 -9.85 8.76 -0.02
C VAL A 226 -11.01 8.08 -0.73
N ARG A 227 -11.35 6.86 -0.32
CA ARG A 227 -12.43 6.12 -0.96
C ARG A 227 -13.79 6.78 -0.77
N ASN A 228 -13.96 7.59 0.27
CA ASN A 228 -15.21 8.29 0.50
C ASN A 228 -15.21 9.72 -0.01
N ILE A 229 -14.14 10.17 -0.64
CA ILE A 229 -14.09 11.49 -1.26
C ILE A 229 -14.78 11.41 -2.61
N GLY A 230 -15.90 12.14 -2.75
CA GLY A 230 -16.64 12.17 -3.99
C GLY A 230 -16.13 13.13 -5.03
N ASP A 231 -15.11 13.93 -4.69
CA ASP A 231 -14.53 14.92 -5.61
C ASP A 231 -13.04 14.94 -5.36
N LYS A 232 -12.33 14.02 -6.01
CA LYS A 232 -10.88 13.91 -5.85
C LYS A 232 -10.12 15.03 -6.55
N ASP A 233 -10.81 15.89 -7.30
CA ASP A 233 -10.15 17.02 -7.94
C ASP A 233 -9.84 18.12 -6.93
N THR A 234 -10.80 18.46 -6.08
CA THR A 234 -10.56 19.45 -5.03
C THR A 234 -9.60 18.91 -3.97
N LEU A 235 -9.59 17.60 -3.74
CA LEU A 235 -8.66 17.01 -2.78
C LEU A 235 -7.22 17.26 -3.21
N LEU A 236 -6.93 17.09 -4.49
CA LEU A 236 -5.59 17.30 -4.99
C LEU A 236 -5.22 18.71 -4.69
N GLN A 237 -6.11 19.61 -5.05
CA GLN A 237 -5.89 21.03 -4.75
CA GLN A 237 -5.88 21.03 -4.75
C GLN A 237 -5.65 21.56 -3.26
N LYS A 238 -6.38 20.90 -2.37
CA LYS A 238 -6.18 21.27 -0.96
C LYS A 238 -4.89 20.64 -0.45
N LEU A 239 -4.51 19.50 -1.00
CA LEU A 239 -3.23 18.89 -0.66
C LEU A 239 -2.00 19.65 -1.16
N LEU A 240 -2.09 20.21 -2.35
CA LEU A 240 -0.95 20.91 -2.92
C LEU A 240 -0.52 22.12 -2.10
N GLN A 241 -1.40 22.66 -1.28
CA GLN A 241 -1.04 23.76 -0.39
C GLN A 241 -0.04 23.30 0.66
N LYS A 242 -0.12 22.05 1.09
CA LYS A 242 0.83 21.51 2.05
C LYS A 242 2.11 21.08 1.33
N ASP A 243 3.23 21.24 2.03
CA ASP A 243 4.53 20.86 1.47
C ASP A 243 4.60 19.35 1.31
N LYS A 244 4.69 18.89 0.07
CA LYS A 244 4.76 17.46 -0.26
C LYS A 244 3.59 16.69 0.35
N GLY A 245 2.44 17.36 0.49
CA GLY A 245 1.27 16.67 1.00
C GLY A 245 0.75 15.60 0.06
N VAL A 246 0.97 15.76 -1.24
CA VAL A 246 0.56 14.75 -2.20
C VAL A 246 1.48 13.54 -2.14
N TYR A 247 2.79 13.78 -1.97
CA TYR A 247 3.74 12.68 -1.86
C TYR A 247 3.44 11.82 -0.63
N PHE A 248 3.24 12.46 0.52
CA PHE A 248 3.05 11.71 1.76
C PHE A 248 1.78 10.88 1.73
N LEU A 249 0.73 11.37 1.05
CA LEU A 249 -0.49 10.59 0.94
C LEU A 249 -0.26 9.33 0.12
N LEU A 250 0.39 9.46 -1.04
CA LEU A 250 0.62 8.30 -1.89
C LEU A 250 1.66 7.36 -1.29
N ALA A 251 2.71 7.91 -0.68
CA ALA A 251 3.75 7.06 -0.10
C ALA A 251 3.23 6.25 1.07
N GLU A 252 2.32 6.82 1.86
CA GLU A 252 1.77 6.09 3.00
C GLU A 252 0.86 4.96 2.54
N LEU A 253 0.05 5.20 1.50
CA LEU A 253 -0.81 4.15 0.97
C LEU A 253 0.01 3.06 0.28
N ILE A 254 1.15 3.42 -0.29
CA ILE A 254 2.00 2.42 -0.95
C ILE A 254 2.65 1.51 0.08
N GLU A 255 3.14 2.08 1.18
CA GLU A 255 3.84 1.28 2.19
C GLU A 255 2.93 0.23 2.81
N SER A 256 1.63 0.50 2.85
CA SER A 256 0.68 -0.43 3.43
C SER A 256 -0.03 -1.20 2.36
N CYS A 257 0.50 -1.13 1.15
CA CYS A 257 -0.04 -1.89 0.03
C CYS A 257 -1.48 -1.61 -0.36
N PHE A 258 -1.94 -0.38 -0.17
CA PHE A 258 -3.27 -0.02 -0.62
C PHE A 258 -3.16 0.41 -2.06
N PHE A 259 -2.81 -0.52 -2.92
CA PHE A 259 -2.59 -0.20 -4.32
C PHE A 259 -3.79 0.29 -5.10
N ASP A 260 -4.94 -0.26 -4.81
CA ASP A 260 -6.14 0.14 -5.51
C ASP A 260 -6.46 1.61 -5.30
N THR A 261 -6.30 2.07 -4.09
CA THR A 261 -6.58 3.46 -3.80
C THR A 261 -5.63 4.32 -4.57
N VAL A 262 -4.38 3.93 -4.63
CA VAL A 262 -3.39 4.70 -5.34
C VAL A 262 -3.70 4.76 -6.81
N HIS A 263 -4.14 3.65 -7.38
CA HIS A 263 -4.45 3.60 -8.80
C HIS A 263 -5.55 4.56 -9.12
N ASP A 264 -6.54 4.62 -8.27
CA ASP A 264 -7.62 5.54 -8.50
C ASP A 264 -7.08 6.94 -8.48
N LEU A 265 -6.23 7.24 -7.50
CA LEU A 265 -5.70 8.60 -7.39
C LEU A 265 -4.82 8.94 -8.58
N VAL A 266 -3.97 8.00 -9.01
CA VAL A 266 -3.10 8.24 -10.15
C VAL A 266 -3.92 8.46 -11.42
N GLN A 267 -5.00 7.69 -11.58
CA GLN A 267 -5.82 7.82 -12.78
C GLN A 267 -6.50 9.18 -12.85
N CYS A 268 -7.02 9.67 -11.72
CA CYS A 268 -7.70 10.96 -11.72
C CYS A 268 -6.71 12.11 -11.80
N TRP A 269 -5.56 11.99 -11.14
CA TRP A 269 -4.62 13.09 -11.01
C TRP A 269 -3.55 13.10 -12.11
N CYS A 270 -3.38 12.02 -12.85
CA CYS A 270 -2.31 12.00 -13.83
C CYS A 270 -2.76 11.61 -15.21
N TYR A 271 -3.86 10.90 -15.30
CA TYR A 271 -4.27 10.39 -16.59
C TYR A 271 -5.61 10.89 -17.14
N LYS A 272 -6.46 11.48 -16.30
CA LYS A 272 -7.78 11.88 -16.77
C LYS A 272 -7.81 12.97 -17.80
N GLY A 273 -7.07 14.03 -17.59
CA GLY A 273 -7.16 15.16 -18.49
C GLY A 273 -5.89 15.78 -19.01
N VAL A 274 -6.01 16.59 -20.04
CA VAL A 274 -4.85 17.26 -20.61
C VAL A 274 -4.33 18.31 -19.64
N SER A 275 -5.11 18.64 -18.63
CA SER A 275 -4.71 19.67 -17.69
C SER A 275 -4.33 19.21 -16.29
N ALA A 276 -3.57 20.04 -15.57
CA ALA A 276 -3.18 19.74 -14.20
C ALA A 276 -3.32 20.98 -13.32
N CYS A 280 -0.01 26.93 -9.68
CA CYS A 280 -0.46 26.06 -10.77
C CYS A 280 0.73 25.42 -11.46
N SER A 281 1.09 24.22 -11.02
CA SER A 281 2.21 23.50 -11.62
C SER A 281 1.70 22.31 -12.40
N ASP A 282 2.18 22.17 -13.62
CA ASP A 282 1.72 21.08 -14.49
C ASP A 282 2.07 19.74 -13.86
N LYS A 283 3.14 19.71 -13.10
CA LYS A 283 3.48 18.48 -12.46
C LYS A 283 3.03 18.51 -11.02
N ILE A 284 2.14 17.60 -10.65
CA ILE A 284 1.74 17.48 -9.26
C ILE A 284 2.90 17.00 -8.39
N PHE A 285 3.75 16.14 -8.94
CA PHE A 285 4.91 15.70 -8.21
C PHE A 285 6.17 16.36 -8.72
N SER A 286 7.24 16.29 -7.95
CA SER A 286 8.52 16.82 -8.38
C SER A 286 9.35 15.68 -8.91
N GLN A 287 10.59 15.96 -9.28
CA GLN A 287 11.51 14.90 -9.68
CA GLN A 287 11.50 14.89 -9.69
C GLN A 287 11.82 13.98 -8.51
N GLN A 288 12.00 14.54 -7.33
CA GLN A 288 12.29 13.74 -6.14
C GLN A 288 11.13 12.85 -5.77
N ASP A 289 9.91 13.42 -5.73
CA ASP A 289 8.73 12.63 -5.41
C ASP A 289 8.49 11.55 -6.47
N TYR A 290 8.67 11.90 -7.74
CA TYR A 290 8.56 10.92 -8.82
C TYR A 290 9.56 9.79 -8.63
N GLU A 291 10.81 10.12 -8.36
CA GLU A 291 11.84 9.10 -8.16
C GLU A 291 11.61 8.31 -6.88
N LEU A 292 11.12 8.94 -5.83
CA LEU A 292 10.88 8.24 -4.59
C LEU A 292 9.69 7.32 -4.68
N PHE A 293 8.65 7.73 -5.37
CA PHE A 293 7.51 6.85 -5.59
C PHE A 293 7.95 5.51 -6.18
N LEU A 294 8.79 5.57 -7.21
CA LEU A 294 9.21 4.34 -7.89
C LEU A 294 10.16 3.52 -7.03
N TYR A 295 11.09 4.19 -6.34
CA TYR A 295 11.97 3.47 -5.43
C TYR A 295 11.19 2.79 -4.32
N SER A 296 10.20 3.49 -3.76
CA SER A 296 9.38 2.89 -2.71
C SER A 296 8.54 1.74 -3.23
N LEU A 297 8.06 1.86 -4.47
CA LEU A 297 7.23 0.80 -5.04
C LEU A 297 8.06 -0.45 -5.31
N SER A 298 9.32 -0.28 -5.75
CA SER A 298 10.17 -1.44 -5.99
C SER A 298 10.51 -2.16 -4.70
N ASN A 299 10.65 -1.44 -3.59
CA ASN A 299 10.93 -2.07 -2.32
C ASN A 299 9.74 -2.87 -1.81
N VAL A 300 8.54 -2.31 -1.92
CA VAL A 300 7.34 -3.02 -1.50
C VAL A 300 7.10 -4.24 -2.40
N MET A 301 7.39 -4.09 -3.69
CA MET A 301 7.23 -5.21 -4.62
C MET A 301 8.11 -6.39 -4.23
N LEU A 302 9.36 -6.12 -3.83
CA LEU A 302 10.24 -7.18 -3.37
C LEU A 302 9.84 -7.69 -2.00
N LYS A 303 9.17 -6.85 -1.20
CA LYS A 303 8.74 -7.28 0.13
C LYS A 303 7.44 -8.07 0.08
N ASN A 304 6.61 -7.84 -0.94
CA ASN A 304 5.33 -8.52 -1.09
C ASN A 304 5.27 -9.11 -2.49
N PRO A 305 5.90 -10.27 -2.70
CA PRO A 305 5.98 -10.83 -4.06
C PRO A 305 4.64 -11.22 -4.64
N GLU A 306 3.63 -11.51 -3.82
CA GLU A 306 2.34 -11.90 -4.36
C GLU A 306 1.57 -10.73 -4.95
N LEU A 307 1.86 -9.51 -4.51
CA LEU A 307 1.25 -8.31 -5.07
C LEU A 307 2.17 -7.60 -6.07
N SER A 308 3.15 -8.31 -6.62
CA SER A 308 4.09 -7.69 -7.53
C SER A 308 3.41 -7.25 -8.84
N VAL A 309 2.34 -7.93 -9.23
CA VAL A 309 1.63 -7.55 -10.45
C VAL A 309 1.02 -6.16 -10.29
N GLN A 310 0.39 -5.90 -9.13
CA GLN A 310 -0.20 -4.59 -8.89
C GLN A 310 0.87 -3.53 -8.68
N ALA A 311 1.99 -3.90 -8.06
CA ALA A 311 3.07 -2.93 -7.87
C ALA A 311 3.79 -2.64 -9.19
N ARG A 312 3.92 -3.63 -10.07
CA ARG A 312 4.53 -3.39 -11.37
C ARG A 312 3.67 -2.48 -12.23
N SER A 313 2.36 -2.68 -12.20
CA SER A 313 1.46 -1.83 -12.97
C SER A 313 1.52 -0.38 -12.48
N LEU A 314 1.61 -0.18 -11.17
CA LEU A 314 1.76 1.17 -10.64
C LEU A 314 3.09 1.79 -11.05
N ILE A 315 4.16 0.99 -11.05
CA ILE A 315 5.46 1.50 -11.48
C ILE A 315 5.41 1.95 -12.92
N MET A 316 4.78 1.15 -13.79
CA MET A 316 4.68 1.52 -15.20
C MET A 316 3.80 2.74 -15.40
N GLU A 317 2.70 2.84 -14.65
CA GLU A 317 1.77 3.96 -14.83
C GLU A 317 2.42 5.28 -14.43
N ILE A 318 3.17 5.29 -13.33
CA ILE A 318 3.85 6.51 -12.91
C ILE A 318 5.01 6.81 -13.85
N TRP A 319 5.80 5.79 -14.20
CA TRP A 319 7.00 6.01 -14.99
C TRP A 319 6.68 6.44 -16.41
N LYS A 320 5.70 5.80 -17.04
CA LYS A 320 5.39 6.05 -18.44
C LYS A 320 4.31 7.12 -18.64
N CYS A 321 3.94 7.84 -17.58
CA CYS A 321 2.92 8.88 -17.72
C CYS A 321 3.45 10.02 -18.58
N GLU A 322 2.63 10.47 -19.54
CA GLU A 322 3.07 11.47 -20.49
C GLU A 322 3.36 12.81 -19.83
N ARG A 323 2.69 13.09 -18.72
CA ARG A 323 2.89 14.33 -18.01
C ARG A 323 4.24 14.37 -17.36
N PHE A 324 4.83 13.22 -17.16
CA PHE A 324 6.11 13.13 -16.49
C PHE A 324 7.22 12.65 -17.41
N ALA A 325 7.05 12.87 -18.70
CA ALA A 325 8.01 12.40 -19.68
C ALA A 325 9.39 12.97 -19.52
N GLU A 326 9.48 14.23 -19.18
CA GLU A 326 10.78 14.82 -18.91
C GLU A 326 11.42 14.20 -17.70
N TYR A 327 10.62 13.89 -16.70
CA TYR A 327 11.13 13.24 -15.51
C TYR A 327 11.61 11.86 -15.87
N ARG A 328 10.88 11.19 -16.76
CA ARG A 328 11.28 9.85 -17.18
C ARG A 328 12.63 9.86 -17.88
N GLU A 329 12.90 10.90 -18.68
CA GLU A 329 14.19 10.98 -19.36
C GLU A 329 15.31 11.30 -18.37
N THR A 330 15.01 12.11 -17.35
CA THR A 330 16.02 12.40 -16.33
C THR A 330 16.36 11.18 -15.49
N SER A 331 15.38 10.31 -15.26
CA SER A 331 15.59 9.14 -14.42
C SER A 331 16.54 8.13 -15.06
N VAL A 332 16.77 8.21 -16.36
CA VAL A 332 17.66 7.29 -17.07
C VAL A 332 18.95 7.98 -17.51
N ASN A 333 19.24 9.17 -16.98
CA ASN A 333 20.45 9.91 -17.34
C ASN A 333 21.55 9.52 -16.38
N THR A 334 22.54 8.79 -16.87
CA THR A 334 23.66 8.34 -16.06
C THR A 334 24.69 9.45 -15.93
N SER A 335 24.99 9.85 -14.70
CA SER A 335 26.01 10.85 -14.42
C SER A 335 26.63 10.56 -13.07
N ASN A 336 27.92 10.85 -12.94
CA ASN A 336 28.67 10.59 -11.70
C ASN A 336 28.56 9.13 -11.28
N TYR A 337 28.58 8.24 -12.27
CA TYR A 337 28.53 6.79 -12.06
C TYR A 337 27.26 6.37 -11.33
N THR A 338 26.17 7.10 -11.51
CA THR A 338 24.89 6.72 -10.93
C THR A 338 23.77 7.16 -11.86
N VAL A 339 22.65 6.44 -11.77
CA VAL A 339 21.46 6.74 -12.57
C VAL A 339 20.25 6.54 -11.67
N PRO A 340 19.29 7.47 -11.65
CA PRO A 340 18.18 7.37 -10.66
C PRO A 340 17.32 6.13 -10.80
N ILE A 341 17.34 5.42 -11.91
CA ILE A 341 16.48 4.26 -12.12
C ILE A 341 17.10 2.98 -11.62
N LYS A 342 18.25 3.08 -10.96
CA LYS A 342 18.99 1.89 -10.56
C LYS A 342 18.27 0.95 -9.63
N SER A 343 17.64 1.49 -8.62
CA SER A 343 16.91 0.66 -7.69
C SER A 343 15.70 0.05 -8.31
N VAL A 344 15.03 0.79 -9.14
CA VAL A 344 13.84 0.30 -9.77
C VAL A 344 14.16 -0.71 -10.84
N LEU A 345 15.11 -0.42 -11.71
CA LEU A 345 15.43 -1.42 -12.72
C LEU A 345 16.03 -2.68 -12.06
N GLY A 346 16.84 -2.50 -11.02
CA GLY A 346 17.34 -3.65 -10.29
C GLY A 346 16.23 -4.40 -9.57
N GLY A 347 15.22 -3.67 -9.10
CA GLY A 347 14.11 -4.31 -8.43
C GLY A 347 13.31 -5.22 -9.34
N LEU A 348 13.07 -4.77 -10.57
CA LEU A 348 12.33 -5.59 -11.52
C LEU A 348 13.14 -6.83 -11.92
N ILE A 349 14.45 -6.68 -12.08
CA ILE A 349 15.30 -7.81 -12.45
C ILE A 349 15.28 -8.87 -11.36
N ILE A 350 15.44 -8.44 -10.10
CA ILE A 350 15.40 -9.37 -8.98
C ILE A 350 14.03 -10.04 -8.89
N ASN A 351 12.96 -9.26 -9.05
CA ASN A 351 11.62 -9.82 -9.02
C ASN A 351 11.38 -10.77 -10.19
N TRP A 352 12.00 -10.50 -11.35
CA TRP A 352 11.85 -11.37 -12.50
C TRP A 352 12.57 -12.71 -12.30
N LYS A 353 13.66 -12.71 -11.55
CA LYS A 353 14.45 -13.90 -11.33
C LYS A 353 14.09 -14.62 -10.03
N ARG A 354 13.00 -14.21 -9.37
CA ARG A 354 12.57 -14.87 -8.14
C ARG A 354 12.19 -16.31 -8.42
N GLU A 355 12.55 -17.21 -7.49
CA GLU A 355 12.27 -18.62 -7.65
C GLU A 355 11.52 -19.24 -6.47
N ASP A 356 11.12 -18.45 -5.48
CA ASP A 356 10.37 -18.96 -4.34
C ASP A 356 8.86 -18.83 -4.53
N VAL A 357 8.41 -18.29 -5.66
CA VAL A 357 6.99 -18.17 -5.97
C VAL A 357 6.73 -18.73 -7.35
N CYS A 358 5.54 -19.28 -7.55
CA CYS A 358 5.10 -19.75 -8.86
C CYS A 358 4.49 -18.54 -9.58
N LYS A 359 5.25 -17.99 -10.53
CA LYS A 359 4.92 -16.72 -11.13
C LYS A 359 4.51 -16.91 -12.58
N PRO A 360 3.27 -16.63 -12.96
CA PRO A 360 2.89 -16.66 -14.37
C PRO A 360 3.37 -15.41 -15.10
N ASP A 361 3.63 -15.50 -16.39
CA ASP A 361 4.03 -14.32 -17.18
C ASP A 361 5.36 -13.67 -16.81
N ARG A 362 6.40 -14.48 -16.61
CA ARG A 362 7.72 -13.95 -16.37
C ARG A 362 8.20 -13.29 -17.64
N GLU A 363 7.69 -13.72 -18.78
CA GLU A 363 8.04 -13.11 -20.05
C GLU A 363 7.62 -11.67 -20.15
N ILE A 364 6.44 -11.34 -19.64
CA ILE A 364 5.98 -9.98 -19.64
C ILE A 364 6.91 -9.14 -18.80
N GLU A 365 7.34 -9.67 -17.68
CA GLU A 365 8.26 -8.96 -16.84
C GLU A 365 9.57 -8.71 -17.53
N LYS A 366 10.06 -9.68 -18.27
CA LYS A 366 11.30 -9.51 -18.98
C LYS A 366 11.17 -8.43 -20.02
N GLU A 367 10.04 -8.37 -20.67
CA GLU A 367 9.83 -7.36 -21.68
C GLU A 367 9.87 -5.97 -21.12
N GLU A 368 9.29 -5.76 -19.95
CA GLU A 368 9.31 -4.47 -19.32
C GLU A 368 10.73 -4.07 -19.03
N ILE A 369 11.53 -4.99 -18.55
CA ILE A 369 12.92 -4.72 -18.26
C ILE A 369 13.68 -4.35 -19.50
N LEU A 370 13.47 -5.10 -20.56
CA LEU A 370 14.15 -4.83 -21.81
C LEU A 370 13.76 -3.52 -22.39
N ASP A 371 12.48 -3.18 -22.30
CA ASP A 371 12.00 -1.94 -22.83
C ASP A 371 12.48 -0.80 -21.98
N MET A 372 12.66 -0.99 -20.69
CA MET A 372 13.23 0.06 -19.88
C MET A 372 14.69 0.24 -20.21
N ILE A 373 15.41 -0.84 -20.47
CA ILE A 373 16.80 -0.70 -20.87
C ILE A 373 16.89 -0.03 -22.24
N SER A 374 16.03 -0.44 -23.18
CA SER A 374 16.02 0.18 -24.50
C SER A 374 15.70 1.68 -24.42
N PHE A 375 14.79 2.05 -23.50
CA PHE A 375 14.48 3.46 -23.33
C PHE A 375 15.68 4.24 -22.84
N ALA A 376 16.50 3.63 -21.98
CA ALA A 376 17.70 4.30 -21.49
C ALA A 376 18.71 4.48 -22.62
N LYS A 377 18.82 3.51 -23.52
CA LYS A 377 19.73 3.63 -24.64
C LYS A 377 19.27 4.70 -25.61
N GLY A 378 17.95 4.80 -25.85
CA GLY A 378 17.45 5.76 -26.81
C GLY A 378 17.55 7.19 -26.35
N CYS A 379 17.56 7.44 -25.05
CA CYS A 379 17.57 8.82 -24.60
C CYS A 379 18.97 9.35 -24.55
N PHE A 380 19.90 8.56 -24.04
CA PHE A 380 21.28 8.96 -23.98
C PHE A 380 22.17 7.86 -24.53
N PRO A 381 22.25 7.73 -25.85
CA PRO A 381 23.02 6.65 -26.46
C PRO A 381 24.46 6.66 -26.09
N GLU A 382 25.02 7.85 -25.95
CA GLU A 382 26.41 7.99 -25.58
C GLU A 382 26.74 7.44 -24.22
N LYS A 383 25.80 7.51 -23.29
CA LYS A 383 26.04 7.05 -21.95
C LYS A 383 25.60 5.63 -21.68
N PHE A 384 25.30 4.85 -22.71
CA PHE A 384 24.81 3.50 -22.50
C PHE A 384 25.79 2.52 -21.92
N ASP A 385 27.04 2.59 -22.32
CA ASP A 385 28.02 1.72 -21.72
C ASP A 385 28.20 2.10 -20.28
N LEU A 386 28.17 3.39 -19.97
CA LEU A 386 28.18 3.78 -18.56
C LEU A 386 26.95 3.25 -17.84
N PHE A 387 25.80 3.27 -18.52
CA PHE A 387 24.57 2.77 -17.91
C PHE A 387 24.67 1.28 -17.61
N LYS A 388 25.28 0.51 -18.53
CA LYS A 388 25.42 -0.93 -18.32
C LYS A 388 26.33 -1.23 -17.13
N GLU A 389 27.47 -0.55 -17.07
CA GLU A 389 28.42 -0.78 -15.97
C GLU A 389 27.81 -0.41 -14.63
N VAL A 390 26.99 0.61 -14.56
CA VAL A 390 26.41 1.03 -13.29
C VAL A 390 25.41 0.04 -12.80
N MET A 391 24.63 -0.50 -13.71
CA MET A 391 23.63 -1.46 -13.33
C MET A 391 24.20 -2.81 -12.95
N ILE A 392 25.20 -3.27 -13.66
CA ILE A 392 25.83 -4.54 -13.32
C ILE A 392 26.47 -4.47 -11.94
N GLU A 393 27.17 -3.37 -11.65
CA GLU A 393 27.82 -3.22 -10.36
C GLU A 393 26.80 -3.10 -9.24
N ASN A 394 25.68 -2.44 -9.51
CA ASN A 394 24.63 -2.30 -8.50
C ASN A 394 24.01 -3.65 -8.17
N LEU A 395 23.83 -4.51 -9.17
CA LEU A 395 23.21 -5.81 -8.95
C LEU A 395 24.13 -6.80 -8.24
N ARG A 396 25.39 -6.45 -8.07
CA ARG A 396 26.32 -7.37 -7.45
C ARG A 396 26.49 -7.06 -6.00
N ILE A 397 26.20 -5.83 -5.60
CA ILE A 397 26.30 -5.46 -4.22
C ILE A 397 24.99 -5.08 -3.56
N CYS A 398 23.87 -5.22 -4.25
CA CYS A 398 22.59 -4.73 -3.72
C CYS A 398 22.02 -5.30 -2.44
N GLY A 399 22.05 -6.60 -2.28
CA GLY A 399 21.59 -7.17 -1.04
C GLY A 399 20.17 -6.81 -0.64
N ARG A 400 19.27 -6.78 -1.58
CA ARG A 400 17.89 -6.47 -1.30
C ARG A 400 17.05 -7.70 -1.09
N GLU A 401 15.82 -7.52 -0.66
CA GLU A 401 14.93 -8.65 -0.44
C GLU A 401 14.59 -9.37 -1.72
N GLY A 402 14.29 -10.66 -1.62
CA GLY A 402 14.04 -11.45 -2.79
C GLY A 402 15.25 -11.81 -3.62
N LYS A 403 16.42 -11.28 -3.26
CA LYS A 403 17.63 -11.59 -3.99
C LYS A 403 18.27 -12.85 -3.44
N ARG A 404 18.49 -13.83 -4.29
CA ARG A 404 19.08 -15.06 -3.84
C ARG A 404 20.53 -14.84 -3.57
N LYS A 405 20.95 -15.16 -2.37
CA LYS A 405 22.34 -14.95 -2.00
C LYS A 405 23.24 -15.96 -2.64
N GLY A 406 24.42 -15.52 -3.03
CA GLY A 406 25.37 -16.41 -3.66
C GLY A 406 25.16 -16.53 -5.14
N VAL A 407 24.19 -15.82 -5.69
CA VAL A 407 24.03 -15.82 -7.13
C VAL A 407 24.46 -14.45 -7.64
N ASP A 408 25.09 -14.40 -8.80
CA ASP A 408 25.51 -13.14 -9.36
C ASP A 408 24.40 -12.65 -10.25
N TYR A 409 23.78 -11.56 -9.85
CA TYR A 409 22.68 -11.02 -10.62
C TYR A 409 23.22 -10.12 -11.70
N GLY A 410 24.49 -9.82 -11.63
CA GLY A 410 25.12 -9.01 -12.65
C GLY A 410 25.08 -9.70 -13.98
N LYS A 411 25.27 -11.00 -13.94
CA LYS A 411 25.27 -11.77 -15.16
C LYS A 411 23.94 -11.70 -15.87
N PHE A 412 22.86 -11.69 -15.12
CA PHE A 412 21.55 -11.65 -15.73
C PHE A 412 21.42 -10.37 -16.51
N ALA A 413 21.89 -9.28 -15.96
CA ALA A 413 21.85 -8.01 -16.66
C ALA A 413 22.67 -8.04 -17.91
N GLU A 414 23.85 -8.64 -17.84
CA GLU A 414 24.72 -8.68 -18.98
C GLU A 414 24.05 -9.41 -20.08
N GLU A 415 23.34 -10.47 -19.72
CA GLU A 415 22.60 -11.22 -20.71
C GLU A 415 21.52 -10.39 -21.36
N LEU A 416 20.78 -9.63 -20.57
CA LEU A 416 19.76 -8.76 -21.14
C LEU A 416 20.38 -7.72 -22.07
N PHE A 417 21.56 -7.26 -21.76
CA PHE A 417 22.17 -6.25 -22.59
C PHE A 417 22.54 -6.83 -23.95
N LEU A 418 23.02 -8.06 -23.98
CA LEU A 418 23.38 -8.72 -25.24
C LEU A 418 22.20 -8.98 -26.15
N GLN A 419 21.08 -9.35 -25.57
CA GLN A 419 19.89 -9.60 -26.34
C GLN A 419 19.49 -8.34 -27.04
N LEU A 420 19.63 -7.23 -26.34
CA LEU A 420 19.26 -5.95 -26.92
C LEU A 420 20.12 -5.62 -28.11
N GLU A 421 21.39 -5.98 -28.05
CA GLU A 421 22.29 -5.67 -29.13
C GLU A 421 21.82 -6.35 -30.39
N LYS A 422 21.38 -7.59 -30.27
CA LYS A 422 20.88 -8.32 -31.43
C LYS A 422 19.41 -7.99 -31.67
#